data_1D5T
#
_entry.id   1D5T
#
_cell.length_a   89.290
_cell.length_b   42.740
_cell.length_c   61.780
_cell.angle_alpha   90.00
_cell.angle_beta   104.55
_cell.angle_gamma   90.00
#
_symmetry.space_group_name_H-M   'P 1 21 1'
#
loop_
_entity.id
_entity.type
_entity.pdbx_description
1 polymer 'GUANINE NUCLEOTIDE DISSOCIATION INHIBITOR'
2 non-polymer 'SULFATE ION'
3 water water
#
_entity_poly.entity_id   1
_entity_poly.type   'polypeptide(L)'
_entity_poly.pdbx_seq_one_letter_code
;HHMDEEYDVIVLGTGLTECILSGIMSVNGKKVLHMDRNPYYGGESSSITPLEELYKRFQLLEGPPETMGRGRDWNVDLIP
KFLMANGQLVKMLLYTEVTRYLDFKVVEGSFVYKGGKIYKVPSTETEALASNLMGMFEKRRFRKFLVFVANFDENDPKTF
EGVDPQNTSMRDVYRKFDLGQDVIDFTGHALALYRTDDYLDQPCLETINRIKLYSESLARYGKSPYLYPLYGLGELPQGF
ARLSAIYGGTYMLNKPVDDIIMENGKVVGVKSEGEVARCKQLICDPSYVPDRVRKAGQVIRIICILSHPIKNTNDANSCQ
IIIPQNQVNRKSDIYVCMISYAHNVAAQGKYIAIASTTVETTDPEKEVEPALGLLEPIDQKFVAISDLYEPIDDGSESQV
FCSCSYDATTHFETTCNDIKDIYKRMAGSAFDF
;
_entity_poly.pdbx_strand_id   A
#
loop_
_chem_comp.id
_chem_comp.type
_chem_comp.name
_chem_comp.formula
SO4 non-polymer 'SULFATE ION' 'O4 S -2'
#
# COMPACT_ATOMS: atom_id res chain seq x y z
N HIS A 1 -20.18 -23.21 15.63
CA HIS A 1 -19.79 -21.93 16.25
C HIS A 1 -21.06 -21.06 16.26
N HIS A 2 -21.04 -20.09 17.15
CA HIS A 2 -22.18 -19.27 17.47
C HIS A 2 -21.87 -17.79 17.52
N MET A 3 -22.86 -17.02 17.27
CA MET A 3 -22.84 -15.59 17.25
C MET A 3 -23.84 -15.04 18.25
N ASP A 4 -23.60 -13.80 18.65
CA ASP A 4 -24.58 -13.06 19.45
C ASP A 4 -25.80 -12.75 18.54
N GLU A 5 -26.86 -12.27 19.18
CA GLU A 5 -28.02 -11.90 18.44
C GLU A 5 -27.88 -10.62 17.63
N GLU A 6 -27.10 -9.67 18.13
CA GLU A 6 -27.02 -8.36 17.51
C GLU A 6 -25.63 -7.77 17.74
N TYR A 7 -25.17 -7.07 16.71
CA TYR A 7 -23.97 -6.24 16.74
C TYR A 7 -24.31 -4.91 16.10
N ASP A 8 -23.52 -3.87 16.37
CA ASP A 8 -23.66 -2.64 15.60
C ASP A 8 -23.14 -2.80 14.18
N VAL A 9 -21.99 -3.44 14.04
CA VAL A 9 -21.28 -3.58 12.79
C VAL A 9 -20.82 -5.02 12.65
N ILE A 10 -21.00 -5.59 11.49
CA ILE A 10 -20.38 -6.87 11.11
C ILE A 10 -19.36 -6.58 10.03
N VAL A 11 -18.19 -7.16 10.19
CA VAL A 11 -17.08 -7.03 9.23
C VAL A 11 -16.74 -8.43 8.68
N LEU A 12 -16.67 -8.55 7.35
CA LEU A 12 -16.35 -9.79 6.64
C LEU A 12 -15.05 -9.64 5.90
N GLY A 13 -14.11 -10.54 6.24
CA GLY A 13 -12.77 -10.50 5.71
C GLY A 13 -11.76 -9.80 6.63
N THR A 14 -10.53 -10.30 6.67
CA THR A 14 -9.47 -9.76 7.51
C THR A 14 -8.32 -9.21 6.68
N GLY A 15 -8.62 -8.75 5.47
CA GLY A 15 -7.70 -7.89 4.77
C GLY A 15 -7.43 -6.61 5.57
N LEU A 16 -6.37 -5.95 5.17
CA LEU A 16 -5.91 -4.79 5.93
C LEU A 16 -7.00 -3.71 6.07
N THR A 17 -7.75 -3.34 5.08
CA THR A 17 -8.73 -2.33 5.01
C THR A 17 -9.81 -2.69 6.05
N GLU A 18 -10.30 -3.92 5.99
CA GLU A 18 -11.31 -4.34 6.93
C GLU A 18 -10.78 -4.28 8.36
N CYS A 19 -9.55 -4.75 8.61
CA CYS A 19 -9.04 -4.73 10.00
C CYS A 19 -8.92 -3.31 10.53
N ILE A 20 -8.44 -2.38 9.73
CA ILE A 20 -8.29 -1.02 10.20
C ILE A 20 -9.65 -0.41 10.50
N LEU A 21 -10.63 -0.58 9.59
CA LEU A 21 -11.98 -0.05 9.87
C LEU A 21 -12.61 -0.69 11.09
N SER A 22 -12.40 -2.01 11.24
CA SER A 22 -12.93 -2.70 12.45
C SER A 22 -12.34 -2.10 13.68
N GLY A 23 -11.03 -1.91 13.69
CA GLY A 23 -10.38 -1.31 14.85
C GLY A 23 -10.89 0.12 15.16
N ILE A 24 -11.05 0.93 14.12
CA ILE A 24 -11.65 2.26 14.33
C ILE A 24 -13.03 2.15 14.96
N MET A 25 -13.88 1.27 14.44
CA MET A 25 -15.22 1.12 14.99
C MET A 25 -15.16 0.68 16.45
N SER A 26 -14.29 -0.26 16.76
CA SER A 26 -14.16 -0.70 18.17
C SER A 26 -13.73 0.46 19.07
N VAL A 27 -12.71 1.19 18.68
CA VAL A 27 -12.22 2.26 19.52
C VAL A 27 -13.25 3.36 19.66
N ASN A 28 -14.11 3.53 18.65
CA ASN A 28 -15.22 4.47 18.67
C ASN A 28 -16.44 4.01 19.44
N GLY A 29 -16.43 2.83 20.00
CA GLY A 29 -17.49 2.36 20.87
C GLY A 29 -18.50 1.42 20.27
N LYS A 30 -18.31 0.93 19.05
CA LYS A 30 -19.25 0.03 18.44
C LYS A 30 -19.03 -1.39 18.92
N LYS A 31 -20.12 -2.12 18.96
CA LYS A 31 -20.11 -3.56 19.15
C LYS A 31 -19.85 -4.21 17.79
N VAL A 32 -18.71 -4.85 17.62
CA VAL A 32 -18.29 -5.36 16.30
C VAL A 32 -18.19 -6.87 16.32
N LEU A 33 -18.72 -7.50 15.28
CA LEU A 33 -18.45 -8.88 14.94
C LEU A 33 -17.51 -8.87 13.74
N HIS A 34 -16.41 -9.60 13.82
CA HIS A 34 -15.46 -9.63 12.70
C HIS A 34 -15.21 -11.11 12.35
N MET A 35 -15.57 -11.51 11.17
CA MET A 35 -15.50 -12.89 10.70
C MET A 35 -14.73 -12.99 9.36
N ASP A 36 -14.28 -14.20 9.06
CA ASP A 36 -13.61 -14.50 7.80
C ASP A 36 -13.91 -15.95 7.45
N ARG A 37 -14.28 -16.23 6.21
CA ARG A 37 -14.52 -17.62 5.80
C ARG A 37 -13.22 -18.41 5.77
N ASN A 38 -12.07 -17.75 5.71
CA ASN A 38 -10.78 -18.41 5.54
C ASN A 38 -10.19 -18.84 6.87
N PRO A 39 -9.38 -19.90 6.87
CA PRO A 39 -8.69 -20.33 8.09
C PRO A 39 -7.46 -19.55 8.46
N TYR A 40 -7.14 -18.45 7.81
CA TYR A 40 -5.98 -17.61 7.95
C TYR A 40 -6.43 -16.15 7.86
N TYR A 41 -5.59 -15.25 8.29
CA TYR A 41 -5.83 -13.83 8.26
C TYR A 41 -5.30 -13.29 6.95
N GLY A 42 -5.58 -12.14 6.49
CA GLY A 42 -5.27 -11.22 5.51
C GLY A 42 -6.14 -11.21 4.31
N GLY A 43 -7.09 -12.12 4.06
CA GLY A 43 -7.72 -12.07 2.77
C GLY A 43 -6.72 -12.12 1.61
N GLU A 44 -6.90 -11.19 0.66
CA GLU A 44 -5.96 -11.16 -0.46
C GLU A 44 -4.57 -10.70 0.04
N SER A 45 -4.56 -9.89 1.07
CA SER A 45 -3.33 -9.29 1.59
C SER A 45 -2.83 -10.23 2.68
N SER A 46 -2.61 -11.53 2.37
CA SER A 46 -2.21 -12.54 3.37
C SER A 46 -0.71 -12.77 3.34
N SER A 47 -0.18 -13.17 4.47
CA SER A 47 1.22 -13.48 4.69
C SER A 47 1.43 -14.98 4.82
N ILE A 48 2.35 -15.51 4.02
CA ILE A 48 2.56 -16.94 3.95
C ILE A 48 3.79 -17.34 4.74
N THR A 49 3.60 -18.36 5.57
CA THR A 49 4.72 -18.96 6.33
C THR A 49 4.31 -20.38 6.61
N PRO A 50 5.27 -21.33 6.70
CA PRO A 50 6.67 -21.19 6.38
C PRO A 50 6.87 -21.18 4.87
N LEU A 51 8.13 -21.12 4.44
CA LEU A 51 8.40 -21.05 3.01
C LEU A 51 7.83 -22.22 2.21
N GLU A 52 7.77 -23.40 2.84
CA GLU A 52 7.26 -24.58 2.13
C GLU A 52 5.82 -24.31 1.66
N GLU A 53 5.04 -23.52 2.44
CA GLU A 53 3.65 -23.20 2.07
C GLU A 53 3.58 -22.24 0.86
N LEU A 54 4.57 -21.40 0.73
CA LEU A 54 4.63 -20.53 -0.43
C LEU A 54 4.85 -21.36 -1.71
N TYR A 55 5.80 -22.29 -1.63
CA TYR A 55 6.04 -23.20 -2.79
C TYR A 55 4.77 -23.94 -3.14
N LYS A 56 4.09 -24.48 -2.12
CA LYS A 56 2.90 -25.28 -2.38
C LYS A 56 1.84 -24.42 -3.04
N ARG A 57 1.59 -23.21 -2.55
CA ARG A 57 0.60 -22.30 -3.10
C ARG A 57 0.85 -21.99 -4.57
N PHE A 58 2.11 -21.88 -4.98
CA PHE A 58 2.46 -21.64 -6.36
C PHE A 58 2.73 -22.90 -7.17
N GLN A 59 2.34 -24.06 -6.65
CA GLN A 59 2.37 -25.36 -7.29
C GLN A 59 3.79 -25.87 -7.64
N LEU A 60 4.73 -25.52 -6.76
CA LEU A 60 6.11 -25.98 -6.85
C LEU A 60 6.39 -27.15 -5.90
N LEU A 61 6.12 -28.38 -6.40
CA LEU A 61 6.18 -29.57 -5.57
C LEU A 61 7.60 -29.93 -5.18
N GLU A 62 8.58 -29.32 -5.83
CA GLU A 62 9.99 -29.52 -5.55
C GLU A 62 10.35 -28.98 -4.18
N GLY A 63 9.62 -28.03 -3.62
CA GLY A 63 9.89 -27.45 -2.33
C GLY A 63 11.12 -26.56 -2.40
N PRO A 64 11.34 -25.82 -1.33
CA PRO A 64 12.50 -24.93 -1.37
C PRO A 64 13.81 -25.72 -1.22
N PRO A 65 14.85 -25.34 -1.92
CA PRO A 65 16.16 -25.97 -1.67
C PRO A 65 16.71 -25.57 -0.29
N GLU A 66 17.65 -26.38 0.18
CA GLU A 66 18.41 -26.18 1.37
C GLU A 66 18.92 -24.77 1.61
N THR A 67 19.43 -24.27 0.47
CA THR A 67 20.06 -22.97 0.42
C THR A 67 19.05 -21.86 0.74
N MET A 68 17.74 -22.09 0.68
CA MET A 68 16.79 -21.09 1.13
C MET A 68 16.72 -20.90 2.62
N GLY A 69 17.39 -21.77 3.37
CA GLY A 69 17.49 -21.59 4.78
C GLY A 69 16.29 -22.11 5.54
N ARG A 70 16.16 -21.70 6.77
CA ARG A 70 15.09 -22.17 7.68
C ARG A 70 13.74 -21.68 7.23
N GLY A 71 12.85 -22.59 6.95
CA GLY A 71 11.59 -22.24 6.32
C GLY A 71 10.66 -21.40 7.18
N ARG A 72 10.68 -21.64 8.47
CA ARG A 72 9.86 -20.89 9.40
C ARG A 72 10.26 -19.41 9.56
N ASP A 73 11.46 -19.10 9.03
CA ASP A 73 11.99 -17.73 9.13
C ASP A 73 11.53 -16.85 7.98
N TRP A 74 10.67 -17.39 7.12
CA TRP A 74 10.07 -16.64 6.02
C TRP A 74 8.64 -16.24 6.36
N ASN A 75 8.30 -14.97 6.14
CA ASN A 75 6.95 -14.43 6.32
C ASN A 75 6.69 -13.62 5.06
N VAL A 76 6.05 -14.22 4.08
CA VAL A 76 5.99 -13.65 2.71
C VAL A 76 4.64 -13.03 2.44
N ASP A 77 4.55 -11.73 2.49
CA ASP A 77 3.31 -11.04 2.13
C ASP A 77 3.04 -11.21 0.65
N LEU A 78 1.80 -11.53 0.29
CA LEU A 78 1.45 -11.62 -1.11
C LEU A 78 1.33 -10.27 -1.74
N ILE A 79 0.96 -9.26 -0.96
CA ILE A 79 0.75 -7.88 -1.42
C ILE A 79 1.50 -6.96 -0.46
N PRO A 80 2.84 -6.97 -0.58
CA PRO A 80 3.61 -6.06 0.28
C PRO A 80 3.50 -4.62 -0.20
N LYS A 81 3.36 -3.70 0.77
CA LYS A 81 3.33 -2.27 0.57
C LYS A 81 4.00 -1.60 1.76
N PHE A 82 4.63 -0.45 1.53
CA PHE A 82 5.25 0.35 2.57
C PHE A 82 4.36 1.52 3.02
N LEU A 83 4.58 1.96 4.27
CA LEU A 83 3.86 3.07 4.88
C LEU A 83 4.72 4.32 4.90
N MET A 84 4.21 5.43 4.37
CA MET A 84 4.86 6.72 4.54
C MET A 84 4.85 7.08 6.02
N ALA A 85 5.98 7.40 6.60
CA ALA A 85 6.03 7.49 8.08
C ALA A 85 5.09 8.54 8.66
N ASN A 86 4.90 9.67 8.02
CA ASN A 86 4.10 10.78 8.48
C ASN A 86 2.73 10.78 7.80
N GLY A 87 2.43 9.70 7.10
CA GLY A 87 1.20 9.61 6.36
C GLY A 87 -0.01 9.28 7.22
N GLN A 88 -1.21 9.42 6.57
CA GLN A 88 -2.46 9.24 7.28
C GLN A 88 -2.72 7.81 7.68
N LEU A 89 -2.21 6.80 6.96
CA LEU A 89 -2.42 5.42 7.41
C LEU A 89 -1.80 5.26 8.82
N VAL A 90 -0.55 5.69 8.99
CA VAL A 90 0.08 5.60 10.32
C VAL A 90 -0.73 6.36 11.34
N LYS A 91 -1.27 7.52 11.03
CA LYS A 91 -2.12 8.26 11.97
C LYS A 91 -3.35 7.47 12.37
N MET A 92 -3.98 6.78 11.42
CA MET A 92 -5.13 5.93 11.77
C MET A 92 -4.69 4.77 12.64
N LEU A 93 -3.55 4.18 12.36
CA LEU A 93 -3.03 3.10 13.20
C LEU A 93 -2.80 3.61 14.63
N LEU A 94 -2.21 4.79 14.77
CA LEU A 94 -1.99 5.37 16.10
C LEU A 94 -3.29 5.64 16.82
N TYR A 95 -4.31 6.16 16.10
CA TYR A 95 -5.61 6.39 16.73
C TYR A 95 -6.16 5.13 17.36
N THR A 96 -6.03 4.01 16.64
CA THR A 96 -6.55 2.79 17.19
C THR A 96 -5.69 2.20 18.32
N GLU A 97 -4.42 2.57 18.36
CA GLU A 97 -3.38 2.09 19.25
C GLU A 97 -2.94 0.66 18.98
N VAL A 98 -3.12 0.12 17.83
CA VAL A 98 -2.69 -1.13 17.32
C VAL A 98 -1.16 -1.05 17.24
N THR A 99 -0.63 0.16 17.15
CA THR A 99 0.80 0.42 17.17
C THR A 99 1.49 -0.11 18.41
N ARG A 100 0.76 -0.41 19.49
CA ARG A 100 1.32 -1.03 20.67
C ARG A 100 1.94 -2.40 20.30
N TYR A 101 1.45 -3.00 19.23
CA TYR A 101 1.75 -4.38 18.87
C TYR A 101 2.60 -4.52 17.60
N LEU A 102 3.13 -3.42 17.10
CA LEU A 102 3.90 -3.44 15.84
C LEU A 102 5.28 -2.85 16.02
N ASP A 103 6.25 -3.45 15.35
CA ASP A 103 7.61 -2.99 15.35
C ASP A 103 7.98 -2.53 13.93
N PHE A 104 7.65 -1.28 13.63
CA PHE A 104 8.03 -0.75 12.32
C PHE A 104 9.52 -0.50 12.30
N LYS A 105 10.15 -0.84 11.18
CA LYS A 105 11.57 -0.61 10.90
C LYS A 105 11.68 0.19 9.64
N VAL A 106 12.55 1.18 9.64
CA VAL A 106 12.76 2.06 8.48
C VAL A 106 13.29 1.25 7.30
N VAL A 107 12.69 1.45 6.13
CA VAL A 107 13.16 0.90 4.85
C VAL A 107 14.44 1.65 4.46
N GLU A 108 15.47 0.92 4.10
CA GLU A 108 16.78 1.57 3.95
C GLU A 108 16.85 2.53 2.75
N GLY A 109 16.37 2.13 1.58
CA GLY A 109 16.55 2.87 0.39
C GLY A 109 15.28 3.21 -0.37
N SER A 110 15.40 4.24 -1.20
CA SER A 110 14.30 4.67 -2.04
C SER A 110 14.86 5.12 -3.38
N PHE A 111 14.44 4.43 -4.45
CA PHE A 111 15.00 4.61 -5.78
C PHE A 111 13.94 4.84 -6.86
N VAL A 112 14.42 5.40 -7.98
CA VAL A 112 13.55 5.61 -9.14
C VAL A 112 14.33 5.27 -10.38
N TYR A 113 13.64 4.69 -11.36
CA TYR A 113 14.20 4.32 -12.67
C TYR A 113 14.12 5.52 -13.61
N LYS A 114 15.24 5.76 -14.29
CA LYS A 114 15.31 6.83 -15.29
C LYS A 114 16.30 6.37 -16.35
N GLY A 115 15.96 6.26 -17.60
CA GLY A 115 16.81 6.00 -18.72
C GLY A 115 17.57 4.72 -18.56
N GLY A 116 16.97 3.64 -18.02
CA GLY A 116 17.64 2.38 -17.98
C GLY A 116 18.27 2.00 -16.66
N LYS A 117 18.30 2.86 -15.66
CA LYS A 117 19.13 2.76 -14.49
C LYS A 117 18.29 3.26 -13.31
N ILE A 118 18.59 2.77 -12.12
CA ILE A 118 17.95 3.33 -10.92
C ILE A 118 18.88 4.26 -10.17
N TYR A 119 18.28 5.24 -9.47
CA TYR A 119 18.93 6.28 -8.75
C TYR A 119 18.22 6.53 -7.43
N LYS A 120 18.99 7.00 -6.43
CA LYS A 120 18.36 7.45 -5.18
C LYS A 120 17.38 8.56 -5.48
N VAL A 121 16.22 8.54 -4.82
CA VAL A 121 15.26 9.65 -4.93
C VAL A 121 15.70 10.84 -4.08
N PRO A 122 16.00 11.99 -4.63
CA PRO A 122 16.47 13.10 -3.82
C PRO A 122 15.36 13.97 -3.30
N SER A 123 15.36 14.23 -1.99
CA SER A 123 14.29 15.01 -1.38
C SER A 123 14.79 16.13 -0.49
N THR A 124 16.08 16.37 -0.48
CA THR A 124 16.63 17.51 0.24
C THR A 124 17.58 18.23 -0.71
N GLU A 125 17.86 19.48 -0.35
CA GLU A 125 18.75 20.27 -1.19
C GLU A 125 20.11 19.59 -1.35
N THR A 126 20.64 19.00 -0.30
CA THR A 126 21.91 18.31 -0.35
C THR A 126 21.90 17.11 -1.25
N GLU A 127 21.00 16.18 -1.24
CA GLU A 127 20.67 15.09 -2.10
C GLU A 127 20.52 15.55 -3.53
N ALA A 128 19.83 16.67 -3.79
CA ALA A 128 19.70 17.19 -5.13
C ALA A 128 21.07 17.46 -5.75
N LEU A 129 21.93 18.14 -4.98
CA LEU A 129 23.24 18.53 -5.48
C LEU A 129 24.16 17.34 -5.62
N ALA A 130 23.91 16.19 -4.96
CA ALA A 130 24.73 15.01 -5.18
C ALA A 130 24.15 14.06 -6.23
N SER A 131 22.95 14.31 -6.71
CA SER A 131 22.24 13.34 -7.50
C SER A 131 22.82 13.15 -8.90
N ASN A 132 22.87 11.92 -9.38
CA ASN A 132 23.25 11.59 -10.74
C ASN A 132 22.03 11.50 -11.65
N LEU A 133 20.83 11.76 -11.14
CA LEU A 133 19.63 11.77 -11.92
C LEU A 133 19.54 12.89 -12.94
N MET A 134 20.25 13.95 -12.68
CA MET A 134 20.22 15.20 -13.40
C MET A 134 21.64 15.68 -13.69
N GLY A 135 21.76 16.47 -14.73
CA GLY A 135 23.03 17.11 -15.02
C GLY A 135 23.21 18.33 -14.11
N MET A 136 24.43 18.89 -14.19
CA MET A 136 24.87 19.97 -13.36
C MET A 136 23.88 21.13 -13.26
N PHE A 137 23.44 21.69 -14.37
CA PHE A 137 22.53 22.79 -14.35
C PHE A 137 21.14 22.42 -13.83
N GLU A 138 20.60 21.30 -14.31
CA GLU A 138 19.23 20.95 -13.88
C GLU A 138 19.18 20.55 -12.43
N LYS A 139 20.24 19.92 -11.91
CA LYS A 139 20.16 19.56 -10.48
C LYS A 139 20.12 20.83 -9.61
N ARG A 140 20.76 21.93 -10.07
CA ARG A 140 20.71 23.17 -9.30
C ARG A 140 19.34 23.82 -9.41
N ARG A 141 18.66 23.67 -10.57
CA ARG A 141 17.28 24.15 -10.65
C ARG A 141 16.36 23.34 -9.73
N PHE A 142 16.60 22.03 -9.69
CA PHE A 142 15.84 21.15 -8.80
C PHE A 142 16.09 21.47 -7.34
N ARG A 143 17.32 21.80 -6.99
CA ARG A 143 17.61 22.26 -5.63
C ARG A 143 16.77 23.48 -5.30
N LYS A 144 16.69 24.45 -6.23
CA LYS A 144 15.84 25.61 -5.99
C LYS A 144 14.36 25.26 -5.83
N PHE A 145 13.88 24.36 -6.64
CA PHE A 145 12.53 23.84 -6.51
C PHE A 145 12.28 23.22 -5.12
N LEU A 146 13.24 22.38 -4.65
CA LEU A 146 13.05 21.78 -3.31
C LEU A 146 13.05 22.85 -2.24
N VAL A 147 13.90 23.88 -2.36
CA VAL A 147 13.92 24.96 -1.40
C VAL A 147 12.58 25.68 -1.38
N PHE A 148 11.96 25.89 -2.52
CA PHE A 148 10.65 26.50 -2.64
C PHE A 148 9.63 25.65 -1.93
N VAL A 149 9.63 24.34 -2.15
CA VAL A 149 8.65 23.46 -1.54
C VAL A 149 8.83 23.44 -0.05
N ALA A 150 10.07 23.35 0.45
CA ALA A 150 10.30 23.31 1.87
C ALA A 150 9.86 24.60 2.59
N ASN A 151 10.17 25.72 1.99
CA ASN A 151 9.81 27.03 2.56
C ASN A 151 8.35 27.39 2.41
N PHE A 152 7.64 26.71 1.53
CA PHE A 152 6.23 27.04 1.28
C PHE A 152 5.41 26.93 2.57
N ASP A 153 4.47 27.79 2.79
CA ASP A 153 3.70 27.98 3.99
C ASP A 153 2.37 28.55 3.48
N GLU A 154 1.33 27.75 3.52
CA GLU A 154 0.03 28.10 3.07
C GLU A 154 -0.51 29.42 3.59
N ASN A 155 -0.06 29.80 4.79
CA ASN A 155 -0.54 31.03 5.40
C ASN A 155 0.30 32.28 5.17
N ASP A 156 1.31 32.13 4.30
CA ASP A 156 2.20 33.27 4.05
C ASP A 156 2.43 33.44 2.56
N PRO A 157 1.66 34.31 1.93
CA PRO A 157 1.79 34.51 0.47
C PRO A 157 3.17 34.85 -0.03
N LYS A 158 4.07 35.42 0.80
CA LYS A 158 5.43 35.69 0.32
C LYS A 158 6.10 34.38 -0.12
N THR A 159 5.80 33.29 0.60
CA THR A 159 6.45 32.02 0.26
C THR A 159 5.89 31.38 -1.00
N PHE A 160 4.81 31.92 -1.55
CA PHE A 160 4.21 31.36 -2.76
C PHE A 160 5.05 31.68 -3.99
N GLU A 161 5.97 32.63 -3.93
CA GLU A 161 6.72 33.05 -5.11
C GLU A 161 5.81 33.33 -6.31
N GLY A 162 4.69 34.01 -6.04
CA GLY A 162 3.82 34.45 -7.09
C GLY A 162 2.85 33.41 -7.61
N VAL A 163 2.88 32.18 -7.12
CA VAL A 163 1.91 31.18 -7.53
C VAL A 163 0.69 31.32 -6.64
N ASP A 164 -0.44 30.94 -7.14
CA ASP A 164 -1.73 30.81 -6.46
C ASP A 164 -1.90 29.34 -6.10
N PRO A 165 -1.72 28.92 -4.87
CA PRO A 165 -1.84 27.50 -4.56
C PRO A 165 -3.15 26.86 -4.95
N GLN A 166 -4.21 27.66 -5.03
CA GLN A 166 -5.53 27.13 -5.35
C GLN A 166 -5.82 27.10 -6.84
N ASN A 167 -4.95 27.65 -7.67
CA ASN A 167 -5.29 27.70 -9.11
C ASN A 167 -4.08 27.46 -10.02
N THR A 168 -2.86 27.87 -9.69
CA THR A 168 -1.71 27.65 -10.56
C THR A 168 -1.45 26.17 -10.65
N SER A 169 -1.37 25.63 -11.86
CA SER A 169 -1.21 24.20 -12.03
C SER A 169 0.21 23.77 -11.67
N MET A 170 0.35 22.48 -11.33
CA MET A 170 1.71 22.00 -11.05
C MET A 170 2.55 22.07 -12.32
N ARG A 171 1.97 21.88 -13.51
CA ARG A 171 2.72 22.04 -14.75
C ARG A 171 3.37 23.42 -14.80
N ASP A 172 2.63 24.45 -14.39
CA ASP A 172 3.21 25.81 -14.38
C ASP A 172 4.26 26.01 -13.30
N VAL A 173 4.12 25.33 -12.13
CA VAL A 173 5.16 25.39 -11.15
C VAL A 173 6.45 24.74 -11.70
N TYR A 174 6.33 23.58 -12.33
CA TYR A 174 7.54 22.97 -12.88
C TYR A 174 8.18 23.91 -13.89
N ARG A 175 7.39 24.60 -14.73
CA ARG A 175 7.86 25.53 -15.75
C ARG A 175 8.63 26.68 -15.09
N LYS A 176 8.18 27.11 -13.91
CA LYS A 176 8.88 28.18 -13.19
C LYS A 176 10.33 27.79 -12.92
N PHE A 177 10.66 26.53 -12.72
CA PHE A 177 12.00 26.00 -12.45
C PHE A 177 12.64 25.33 -13.65
N ASP A 178 11.96 25.43 -14.79
CA ASP A 178 12.39 24.87 -16.06
C ASP A 178 12.81 23.38 -15.88
N LEU A 179 11.92 22.60 -15.27
CA LEU A 179 12.24 21.19 -15.03
C LEU A 179 11.75 20.35 -16.21
N GLY A 180 12.61 19.49 -16.71
CA GLY A 180 12.30 18.70 -17.88
C GLY A 180 11.47 17.49 -17.51
N GLN A 181 11.09 16.76 -18.58
CA GLN A 181 10.12 15.70 -18.48
C GLN A 181 10.63 14.60 -17.54
N ASP A 182 11.94 14.27 -17.62
CA ASP A 182 12.46 13.21 -16.74
C ASP A 182 12.35 13.60 -15.29
N VAL A 183 12.63 14.87 -14.97
CA VAL A 183 12.50 15.32 -13.57
C VAL A 183 11.05 15.29 -13.09
N ILE A 184 10.16 15.74 -13.99
CA ILE A 184 8.74 15.69 -13.68
C ILE A 184 8.30 14.25 -13.41
N ASP A 185 8.79 13.29 -14.20
CA ASP A 185 8.48 11.87 -13.98
C ASP A 185 8.83 11.48 -12.55
N PHE A 186 10.12 11.69 -12.14
CA PHE A 186 10.47 11.16 -10.81
C PHE A 186 9.79 11.96 -9.71
N THR A 187 9.59 13.27 -9.93
CA THR A 187 9.00 14.10 -8.90
C THR A 187 7.54 13.66 -8.63
N GLY A 188 6.76 13.58 -9.72
CA GLY A 188 5.38 13.21 -9.56
C GLY A 188 5.18 11.82 -9.05
N HIS A 189 5.97 10.85 -9.56
CA HIS A 189 5.73 9.45 -9.27
C HIS A 189 6.52 8.92 -8.08
N ALA A 190 7.73 9.44 -7.83
CA ALA A 190 8.56 8.89 -6.77
C ALA A 190 8.69 9.80 -5.54
N LEU A 191 8.36 11.09 -5.63
CA LEU A 191 8.27 11.96 -4.48
C LEU A 191 6.82 12.13 -4.05
N ALA A 192 5.96 12.57 -4.99
CA ALA A 192 4.55 12.82 -4.66
C ALA A 192 3.72 11.53 -4.64
N LEU A 193 4.20 10.48 -5.27
CA LEU A 193 3.57 9.14 -5.26
C LEU A 193 2.27 9.07 -6.04
N TYR A 194 2.09 9.94 -7.03
CA TYR A 194 0.96 9.77 -7.93
C TYR A 194 1.18 8.56 -8.81
N ARG A 195 0.00 7.97 -9.22
CA ARG A 195 -0.04 6.92 -10.21
C ARG A 195 0.00 7.45 -11.65
N THR A 196 -0.56 8.65 -11.86
CA THR A 196 -0.77 9.23 -13.16
C THR A 196 -0.32 10.70 -13.15
N ASP A 197 -0.33 11.26 -14.33
CA ASP A 197 0.05 12.67 -14.47
C ASP A 197 -1.12 13.63 -14.50
N ASP A 198 -2.29 13.30 -14.12
CA ASP A 198 -3.49 14.08 -13.98
C ASP A 198 -3.21 15.31 -13.15
N TYR A 199 -2.38 15.17 -12.12
CA TYR A 199 -2.08 16.29 -11.22
C TYR A 199 -1.49 17.46 -11.97
N LEU A 200 -0.85 17.25 -13.13
CA LEU A 200 -0.14 18.32 -13.78
C LEU A 200 -1.03 19.51 -14.08
N ASP A 201 -2.28 19.26 -14.40
CA ASP A 201 -3.20 20.30 -14.83
C ASP A 201 -4.16 20.59 -13.70
N GLN A 202 -3.82 20.31 -12.48
CA GLN A 202 -4.62 20.59 -11.29
C GLN A 202 -3.85 21.54 -10.39
N PRO A 203 -4.51 22.18 -9.44
CA PRO A 203 -3.82 23.17 -8.57
C PRO A 203 -2.66 22.53 -7.85
N CYS A 204 -1.62 23.37 -7.74
CA CYS A 204 -0.36 22.89 -7.18
C CYS A 204 -0.37 22.58 -5.71
N LEU A 205 -1.27 23.10 -4.87
CA LEU A 205 -1.14 22.91 -3.43
C LEU A 205 -1.02 21.45 -3.00
N GLU A 206 -1.88 20.58 -3.55
CA GLU A 206 -1.86 19.19 -3.09
C GLU A 206 -0.52 18.57 -3.40
N THR A 207 0.07 18.86 -4.56
CA THR A 207 1.36 18.28 -4.93
C THR A 207 2.49 18.78 -4.04
N ILE A 208 2.54 20.09 -3.79
CA ILE A 208 3.50 20.63 -2.86
C ILE A 208 3.39 19.92 -1.53
N ASN A 209 2.17 19.74 -1.05
CA ASN A 209 2.01 19.02 0.22
C ASN A 209 2.48 17.62 0.22
N ARG A 210 2.28 16.91 -0.90
CA ARG A 210 2.75 15.54 -1.02
C ARG A 210 4.26 15.46 -1.01
N ILE A 211 4.93 16.42 -1.65
CA ILE A 211 6.39 16.41 -1.65
C ILE A 211 6.90 16.74 -0.23
N LYS A 212 6.25 17.70 0.44
CA LYS A 212 6.58 17.97 1.84
C LYS A 212 6.48 16.72 2.71
N LEU A 213 5.42 15.92 2.50
CA LEU A 213 5.21 14.71 3.25
C LEU A 213 6.40 13.76 3.12
N TYR A 214 6.89 13.62 1.91
CA TYR A 214 8.01 12.75 1.66
C TYR A 214 9.23 13.25 2.46
N SER A 215 9.59 14.50 2.23
CA SER A 215 10.82 15.06 2.80
C SER A 215 10.78 15.01 4.29
N GLU A 216 9.64 15.28 4.89
CA GLU A 216 9.45 15.36 6.32
C GLU A 216 9.44 13.99 6.98
N SER A 217 8.95 12.98 6.30
CA SER A 217 8.94 11.60 6.79
C SER A 217 10.33 11.03 6.99
N LEU A 218 10.55 10.42 8.12
CA LEU A 218 11.78 10.08 8.83
C LEU A 218 12.97 10.95 8.37
N ALA A 219 14.10 10.37 8.20
CA ALA A 219 15.34 9.77 7.96
C ALA A 219 16.27 9.79 9.19
N ARG A 220 17.37 9.10 8.97
CA ARG A 220 18.48 9.04 9.88
C ARG A 220 19.72 8.69 9.06
N TYR A 221 20.52 9.71 8.81
CA TYR A 221 21.78 9.60 8.06
C TYR A 221 21.54 9.65 6.55
N GLY A 222 20.28 9.34 6.19
CA GLY A 222 19.86 9.36 4.80
C GLY A 222 18.96 8.20 4.45
N LYS A 223 17.99 7.84 5.34
CA LYS A 223 17.30 6.62 4.94
C LYS A 223 15.96 7.07 4.39
N SER A 224 15.13 6.18 3.95
CA SER A 224 13.90 6.49 3.25
C SER A 224 12.82 6.99 4.16
N PRO A 225 11.68 7.49 3.59
CA PRO A 225 10.52 7.87 4.42
C PRO A 225 9.56 6.77 4.75
N TYR A 226 9.77 5.57 4.40
CA TYR A 226 8.98 4.41 4.44
C TYR A 226 9.28 3.49 5.64
N LEU A 227 8.17 2.96 6.16
CA LEU A 227 8.20 1.99 7.24
C LEU A 227 7.60 0.67 6.75
N TYR A 228 8.07 -0.44 7.33
CA TYR A 228 7.53 -1.78 7.11
C TYR A 228 7.67 -2.54 8.41
N PRO A 229 6.68 -3.33 8.82
CA PRO A 229 6.80 -4.02 10.13
C PRO A 229 7.78 -5.17 10.08
N LEU A 230 8.52 -5.34 11.18
CA LEU A 230 9.19 -6.60 11.40
C LEU A 230 8.15 -7.70 11.29
N TYR A 231 8.52 -8.81 10.63
CA TYR A 231 7.70 -9.99 10.40
C TYR A 231 6.63 -9.73 9.31
N GLY A 232 6.60 -8.58 8.71
CA GLY A 232 5.73 -8.27 7.60
C GLY A 232 4.31 -7.84 8.01
N LEU A 233 3.49 -7.64 6.98
CA LEU A 233 2.17 -7.07 7.16
C LEU A 233 1.17 -7.99 7.82
N GLY A 234 1.49 -9.28 7.94
CA GLY A 234 0.66 -10.19 8.72
C GLY A 234 0.58 -9.78 10.18
N GLU A 235 1.53 -8.94 10.64
CA GLU A 235 1.43 -8.45 12.02
C GLU A 235 0.21 -7.53 12.22
N LEU A 236 -0.31 -6.92 11.16
CA LEU A 236 -1.46 -5.99 11.31
C LEU A 236 -2.72 -6.75 11.66
N PRO A 237 -3.17 -7.74 10.90
CA PRO A 237 -4.36 -8.48 11.34
C PRO A 237 -4.16 -9.10 12.71
N GLN A 238 -2.97 -9.62 13.01
CA GLN A 238 -2.76 -10.19 14.35
C GLN A 238 -2.92 -9.14 15.43
N GLY A 239 -2.40 -7.93 15.20
CA GLY A 239 -2.51 -6.84 16.18
C GLY A 239 -3.95 -6.39 16.34
N PHE A 240 -4.69 -6.27 15.20
CA PHE A 240 -6.08 -5.87 15.25
C PHE A 240 -6.95 -6.93 15.90
N ALA A 241 -6.62 -8.21 15.75
CA ALA A 241 -7.40 -9.22 16.45
C ALA A 241 -7.18 -9.05 17.93
N ARG A 242 -5.98 -8.79 18.39
CA ARG A 242 -5.69 -8.57 19.80
C ARG A 242 -6.40 -7.31 20.33
N LEU A 243 -6.35 -6.22 19.57
CA LEU A 243 -7.08 -5.01 19.95
C LEU A 243 -8.56 -5.26 20.05
N SER A 244 -9.09 -6.00 19.07
CA SER A 244 -10.54 -6.26 19.10
C SER A 244 -10.94 -6.97 20.40
N ALA A 245 -10.14 -7.93 20.84
CA ALA A 245 -10.36 -8.65 22.07
C ALA A 245 -10.43 -7.75 23.29
N ILE A 246 -9.56 -6.73 23.31
CA ILE A 246 -9.56 -5.83 24.45
C ILE A 246 -10.89 -5.12 24.58
N TYR A 247 -11.50 -4.79 23.45
CA TYR A 247 -12.77 -4.09 23.45
C TYR A 247 -13.97 -5.03 23.53
N GLY A 248 -13.70 -6.34 23.51
CA GLY A 248 -14.73 -7.31 23.74
C GLY A 248 -15.11 -8.10 22.53
N GLY A 249 -14.40 -7.92 21.41
CA GLY A 249 -14.74 -8.81 20.32
C GLY A 249 -13.57 -9.72 19.94
N THR A 250 -13.86 -10.98 19.63
CA THR A 250 -12.90 -11.96 19.16
C THR A 250 -13.13 -12.21 17.67
N TYR A 251 -12.11 -12.01 16.86
CA TYR A 251 -12.18 -12.32 15.44
C TYR A 251 -12.50 -13.78 15.23
N MET A 252 -13.39 -14.11 14.30
CA MET A 252 -13.77 -15.50 14.03
C MET A 252 -13.28 -15.95 12.68
N LEU A 253 -12.29 -16.82 12.60
CA LEU A 253 -11.81 -17.38 11.33
C LEU A 253 -12.55 -18.66 11.01
N ASN A 254 -12.40 -19.12 9.80
CA ASN A 254 -12.93 -20.34 9.26
C ASN A 254 -14.44 -20.36 9.44
N LYS A 255 -15.09 -19.24 9.20
CA LYS A 255 -16.50 -18.99 9.46
C LYS A 255 -17.23 -18.62 8.17
N PRO A 256 -17.89 -19.57 7.52
CA PRO A 256 -18.57 -19.28 6.24
C PRO A 256 -19.73 -18.32 6.42
N VAL A 257 -19.94 -17.48 5.42
CA VAL A 257 -21.05 -16.55 5.30
C VAL A 257 -22.03 -17.12 4.29
N ASP A 258 -23.13 -17.61 4.80
CA ASP A 258 -24.14 -18.25 3.97
C ASP A 258 -24.99 -17.23 3.21
N ASP A 259 -25.30 -16.10 3.83
CA ASP A 259 -26.17 -15.07 3.25
C ASP A 259 -25.94 -13.75 3.98
N ILE A 260 -26.05 -12.69 3.22
CA ILE A 260 -26.15 -11.31 3.70
C ILE A 260 -27.62 -10.97 3.54
N ILE A 261 -28.29 -10.85 4.68
CA ILE A 261 -29.72 -10.68 4.65
C ILE A 261 -30.12 -9.21 4.47
N MET A 262 -30.91 -9.00 3.40
CA MET A 262 -31.37 -7.68 3.07
C MET A 262 -32.91 -7.60 3.19
N GLU A 263 -33.39 -6.48 3.72
CA GLU A 263 -34.82 -6.27 3.69
C GLU A 263 -35.06 -4.81 3.24
N ASN A 264 -35.96 -4.63 2.29
CA ASN A 264 -36.32 -3.33 1.71
C ASN A 264 -35.04 -2.59 1.33
N GLY A 265 -34.10 -3.37 0.78
CA GLY A 265 -32.88 -2.83 0.23
C GLY A 265 -31.82 -2.47 1.24
N LYS A 266 -31.95 -2.82 2.51
CA LYS A 266 -31.01 -2.49 3.58
C LYS A 266 -30.60 -3.74 4.32
N VAL A 267 -29.30 -3.80 4.68
CA VAL A 267 -28.84 -5.01 5.42
C VAL A 267 -29.52 -5.05 6.77
N VAL A 268 -29.87 -6.24 7.18
CA VAL A 268 -30.31 -6.37 8.57
C VAL A 268 -29.50 -7.46 9.25
N GLY A 269 -28.72 -8.33 8.59
CA GLY A 269 -27.88 -9.28 9.34
C GLY A 269 -27.10 -10.19 8.41
N VAL A 270 -26.41 -11.14 9.01
CA VAL A 270 -25.68 -12.16 8.34
C VAL A 270 -26.07 -13.55 8.87
N LYS A 271 -26.17 -14.47 7.94
CA LYS A 271 -26.42 -15.88 8.27
C LYS A 271 -25.13 -16.68 8.15
N SER A 272 -24.82 -17.39 9.23
CA SER A 272 -23.65 -18.24 9.28
C SER A 272 -23.95 -19.47 10.13
N GLU A 273 -23.64 -20.63 9.57
CA GLU A 273 -23.86 -21.95 10.14
C GLU A 273 -25.18 -22.07 10.91
N GLY A 274 -26.26 -21.70 10.27
CA GLY A 274 -27.58 -21.94 10.81
C GLY A 274 -28.06 -20.90 11.81
N GLU A 275 -27.33 -19.80 11.92
CA GLU A 275 -27.69 -18.72 12.81
C GLU A 275 -27.66 -17.38 12.10
N VAL A 276 -28.44 -16.41 12.53
CA VAL A 276 -28.47 -15.07 11.97
C VAL A 276 -28.02 -14.11 13.06
N ALA A 277 -27.08 -13.24 12.81
CA ALA A 277 -26.61 -12.23 13.78
C ALA A 277 -27.15 -10.88 13.55
N ARG A 278 -27.91 -9.96 13.74
CA ARG A 278 -28.35 -8.72 13.18
C ARG A 278 -27.26 -7.67 13.31
N CYS A 279 -27.32 -6.72 12.38
CA CYS A 279 -26.41 -5.58 12.36
C CYS A 279 -27.09 -4.38 11.69
N LYS A 280 -26.57 -3.22 11.98
CA LYS A 280 -26.97 -1.97 11.43
C LYS A 280 -26.17 -1.68 10.16
N GLN A 281 -24.90 -2.07 10.16
CA GLN A 281 -23.97 -1.77 9.06
C GLN A 281 -23.07 -2.98 8.86
N LEU A 282 -22.69 -3.18 7.62
CA LEU A 282 -21.82 -4.29 7.23
C LEU A 282 -20.63 -3.76 6.44
N ILE A 283 -19.42 -4.19 6.78
CA ILE A 283 -18.20 -3.88 6.04
C ILE A 283 -17.68 -5.17 5.44
N CYS A 284 -17.23 -5.17 4.19
CA CYS A 284 -16.68 -6.42 3.59
C CYS A 284 -15.74 -6.09 2.44
N ASP A 285 -15.01 -7.11 2.03
CA ASP A 285 -14.25 -7.09 0.76
C ASP A 285 -15.08 -7.59 -0.40
N PRO A 286 -14.64 -7.34 -1.63
CA PRO A 286 -15.47 -7.71 -2.82
C PRO A 286 -15.89 -9.15 -2.90
N SER A 287 -15.10 -10.08 -2.33
CA SER A 287 -15.39 -11.49 -2.47
C SER A 287 -16.71 -11.84 -1.84
N TYR A 288 -17.16 -11.03 -0.86
CA TYR A 288 -18.42 -11.31 -0.21
C TYR A 288 -19.65 -10.81 -0.97
N VAL A 289 -19.49 -9.91 -1.94
CA VAL A 289 -20.60 -9.25 -2.60
C VAL A 289 -20.36 -9.10 -4.11
N PRO A 290 -20.29 -10.21 -4.84
CA PRO A 290 -19.99 -10.11 -6.29
C PRO A 290 -20.97 -9.25 -7.08
N ASP A 291 -22.24 -9.14 -6.60
CA ASP A 291 -23.22 -8.38 -7.34
C ASP A 291 -23.15 -6.91 -7.02
N ARG A 292 -22.27 -6.51 -6.10
CA ARG A 292 -22.14 -5.12 -5.69
C ARG A 292 -20.80 -4.51 -6.13
N VAL A 293 -20.11 -5.21 -7.04
CA VAL A 293 -18.79 -4.74 -7.50
C VAL A 293 -18.71 -4.80 -9.01
N ARG A 294 -17.74 -4.10 -9.55
CA ARG A 294 -17.32 -4.17 -10.95
C ARG A 294 -15.79 -4.37 -10.99
N LYS A 295 -15.30 -4.94 -12.06
CA LYS A 295 -13.90 -5.18 -12.23
C LYS A 295 -13.22 -3.95 -12.79
N ALA A 296 -12.15 -3.53 -12.17
CA ALA A 296 -11.46 -2.29 -12.45
C ALA A 296 -10.15 -2.55 -13.17
N GLY A 297 -9.77 -3.77 -13.50
CA GLY A 297 -8.54 -4.12 -14.16
C GLY A 297 -7.97 -5.39 -13.54
N GLN A 298 -6.70 -5.63 -13.84
CA GLN A 298 -5.95 -6.74 -13.33
C GLN A 298 -4.54 -6.26 -12.95
N VAL A 299 -3.97 -6.90 -11.94
CA VAL A 299 -2.61 -6.66 -11.51
C VAL A 299 -1.78 -7.94 -11.64
N ILE A 300 -0.52 -7.80 -12.02
CA ILE A 300 0.43 -8.91 -11.90
C ILE A 300 1.45 -8.56 -10.82
N ARG A 301 1.75 -9.55 -9.94
CA ARG A 301 2.82 -9.45 -8.97
C ARG A 301 3.74 -10.66 -9.15
N ILE A 302 5.04 -10.41 -9.18
CA ILE A 302 6.03 -11.47 -9.24
C ILE A 302 6.94 -11.34 -8.01
N ILE A 303 6.82 -12.30 -7.09
CA ILE A 303 7.68 -12.37 -5.94
C ILE A 303 9.00 -13.02 -6.39
N CYS A 304 10.13 -12.38 -6.10
CA CYS A 304 11.44 -12.85 -6.53
C CYS A 304 12.34 -13.03 -5.32
N ILE A 305 12.76 -14.24 -5.05
CA ILE A 305 13.76 -14.50 -4.04
C ILE A 305 15.16 -14.32 -4.61
N LEU A 306 15.95 -13.50 -3.93
CA LEU A 306 17.32 -13.23 -4.29
C LEU A 306 18.28 -13.64 -3.17
N SER A 307 19.51 -13.96 -3.59
CA SER A 307 20.64 -14.23 -2.66
C SER A 307 21.62 -13.08 -2.57
N HIS A 308 21.20 -11.93 -3.07
CA HIS A 308 22.05 -10.74 -3.17
C HIS A 308 21.22 -9.47 -3.05
N PRO A 309 21.80 -8.38 -2.54
CA PRO A 309 21.09 -7.11 -2.54
C PRO A 309 20.92 -6.70 -3.99
N ILE A 310 19.97 -5.83 -4.22
CA ILE A 310 19.76 -5.32 -5.60
C ILE A 310 20.94 -4.48 -6.03
N LYS A 311 21.41 -4.68 -7.24
CA LYS A 311 22.54 -3.90 -7.78
C LYS A 311 22.20 -2.42 -7.79
N ASN A 312 23.16 -1.54 -7.54
CA ASN A 312 22.98 -0.08 -7.62
C ASN A 312 22.08 0.44 -6.50
N THR A 313 22.05 -0.23 -5.35
CA THR A 313 21.29 0.29 -4.20
C THR A 313 22.20 0.43 -2.98
N ASN A 314 23.51 0.47 -3.15
CA ASN A 314 24.45 0.51 -2.04
C ASN A 314 24.19 -0.56 -0.97
N ASP A 315 23.92 -1.77 -1.46
CA ASP A 315 23.70 -2.92 -0.57
C ASP A 315 22.53 -2.76 0.40
N ALA A 316 21.48 -2.05 0.01
CA ALA A 316 20.33 -1.81 0.84
C ALA A 316 19.76 -3.13 1.31
N ASN A 317 19.35 -3.21 2.55
CA ASN A 317 18.68 -4.42 3.04
C ASN A 317 17.16 -4.39 2.83
N SER A 318 16.64 -3.24 2.32
CA SER A 318 15.21 -3.06 2.04
C SER A 318 15.15 -1.83 1.16
N CYS A 319 14.22 -1.78 0.21
CA CYS A 319 14.10 -0.59 -0.62
C CYS A 319 12.79 -0.52 -1.38
N GLN A 320 12.42 0.71 -1.71
CA GLN A 320 11.38 1.03 -2.69
C GLN A 320 11.98 1.34 -4.02
N ILE A 321 11.42 0.90 -5.12
CA ILE A 321 11.80 1.24 -6.46
C ILE A 321 10.55 1.59 -7.27
N ILE A 322 10.51 2.83 -7.78
CA ILE A 322 9.40 3.27 -8.64
C ILE A 322 9.89 3.32 -10.08
N ILE A 323 9.16 2.73 -11.02
CA ILE A 323 9.42 2.79 -12.45
C ILE A 323 8.29 3.55 -13.11
N PRO A 324 8.47 4.88 -13.30
CA PRO A 324 7.40 5.69 -13.90
C PRO A 324 7.05 5.16 -15.31
N GLN A 325 5.75 5.09 -15.61
CA GLN A 325 5.26 4.54 -16.85
C GLN A 325 5.90 5.18 -18.08
N ASN A 326 6.17 6.48 -18.06
CA ASN A 326 6.69 7.09 -19.28
C ASN A 326 8.12 6.69 -19.54
N GLN A 327 8.83 6.14 -18.58
CA GLN A 327 10.21 5.68 -18.80
C GLN A 327 10.25 4.35 -19.51
N VAL A 328 9.13 3.65 -19.57
CA VAL A 328 9.08 2.29 -20.13
C VAL A 328 7.96 2.11 -21.11
N ASN A 329 7.45 3.20 -21.70
CA ASN A 329 6.48 3.14 -22.77
C ASN A 329 5.22 2.35 -22.44
N ARG A 330 4.63 2.63 -21.30
CA ARG A 330 3.43 2.05 -20.77
C ARG A 330 2.43 3.11 -20.28
N LYS A 331 1.25 2.63 -19.89
CA LYS A 331 0.22 3.47 -19.33
C LYS A 331 0.00 3.23 -17.85
N SER A 332 0.90 2.53 -17.19
CA SER A 332 0.83 2.27 -15.73
C SER A 332 2.25 2.03 -15.23
N ASP A 333 2.53 2.54 -14.02
CA ASP A 333 3.85 2.40 -13.42
C ASP A 333 4.13 0.92 -13.10
N ILE A 334 5.42 0.62 -12.98
CA ILE A 334 5.91 -0.64 -12.42
C ILE A 334 6.56 -0.35 -11.09
N TYR A 335 6.35 -1.21 -10.10
CA TYR A 335 6.82 -1.04 -8.74
C TYR A 335 7.70 -2.23 -8.37
N VAL A 336 8.75 -2.01 -7.57
CA VAL A 336 9.44 -3.11 -6.89
C VAL A 336 9.64 -2.68 -5.45
N CYS A 337 9.10 -3.48 -4.52
CA CYS A 337 9.53 -3.29 -3.13
C CYS A 337 10.31 -4.50 -2.72
N MET A 338 11.31 -4.26 -1.86
CA MET A 338 12.21 -5.32 -1.43
C MET A 338 12.36 -5.23 0.09
N ILE A 339 12.19 -6.36 0.73
CA ILE A 339 12.43 -6.55 2.14
C ILE A 339 13.17 -7.88 2.30
N SER A 340 13.85 -8.08 3.43
CA SER A 340 14.81 -9.18 3.56
C SER A 340 14.83 -9.72 4.96
N TYR A 341 15.86 -10.54 5.26
CA TYR A 341 16.13 -10.95 6.61
C TYR A 341 16.21 -9.80 7.60
N ALA A 342 16.59 -8.59 7.16
CA ALA A 342 16.67 -7.48 8.08
C ALA A 342 15.32 -7.06 8.69
N HIS A 343 14.24 -7.36 7.98
CA HIS A 343 12.90 -7.15 8.51
C HIS A 343 12.29 -8.48 8.97
N ASN A 344 13.08 -9.53 9.15
CA ASN A 344 12.61 -10.78 9.69
C ASN A 344 11.48 -11.41 8.86
N VAL A 345 11.63 -11.28 7.53
CA VAL A 345 10.64 -11.88 6.60
C VAL A 345 11.28 -12.95 5.70
N ALA A 346 12.61 -13.11 5.74
CA ALA A 346 13.30 -14.11 4.96
C ALA A 346 14.41 -14.69 5.81
N ALA A 347 14.85 -15.91 5.46
CA ALA A 347 16.01 -16.48 6.12
C ALA A 347 17.25 -15.60 5.93
N GLN A 348 18.20 -15.76 6.85
CA GLN A 348 19.42 -15.00 6.84
C GLN A 348 20.06 -15.06 5.45
N GLY A 349 20.46 -13.88 5.00
CA GLY A 349 21.10 -13.76 3.72
C GLY A 349 20.22 -13.74 2.50
N LYS A 350 18.90 -13.85 2.67
CA LYS A 350 17.95 -13.84 1.55
C LYS A 350 17.11 -12.57 1.52
N TYR A 351 16.68 -12.24 0.29
CA TYR A 351 15.98 -11.00 -0.06
C TYR A 351 14.69 -11.36 -0.83
N ILE A 352 13.63 -10.60 -0.60
CA ILE A 352 12.36 -10.78 -1.31
C ILE A 352 12.09 -9.48 -2.06
N ALA A 353 12.13 -9.53 -3.39
CA ALA A 353 11.84 -8.35 -4.21
C ALA A 353 10.56 -8.64 -4.98
N ILE A 354 9.53 -7.82 -4.85
CA ILE A 354 8.23 -8.06 -5.40
C ILE A 354 7.91 -6.99 -6.42
N ALA A 355 7.78 -7.41 -7.67
CA ALA A 355 7.53 -6.56 -8.80
C ALA A 355 6.05 -6.54 -9.16
N SER A 356 5.44 -5.40 -9.43
CA SER A 356 4.02 -5.33 -9.72
C SER A 356 3.72 -4.28 -10.76
N THR A 357 2.63 -4.50 -11.52
CA THR A 357 2.10 -3.49 -12.41
C THR A 357 0.67 -3.86 -12.76
N THR A 358 -0.01 -2.96 -13.46
CA THR A 358 -1.36 -3.16 -13.96
C THR A 358 -1.25 -3.79 -15.34
N VAL A 359 -2.00 -4.86 -15.57
CA VAL A 359 -1.90 -5.58 -16.84
C VAL A 359 -2.44 -4.78 -18.00
N GLU A 360 -1.63 -4.62 -19.06
CA GLU A 360 -1.98 -3.94 -20.29
C GLU A 360 -1.90 -4.78 -21.55
N THR A 361 -1.35 -6.00 -21.46
CA THR A 361 -1.13 -6.83 -22.63
C THR A 361 -1.52 -8.29 -22.37
N THR A 362 -1.41 -9.10 -23.40
CA THR A 362 -1.75 -10.52 -23.24
C THR A 362 -0.60 -11.38 -22.78
N ASP A 363 0.57 -10.97 -22.50
CA ASP A 363 1.77 -11.36 -21.85
C ASP A 363 2.18 -10.51 -20.67
N PRO A 364 1.42 -10.67 -19.57
CA PRO A 364 1.71 -9.87 -18.36
C PRO A 364 3.09 -10.10 -17.81
N GLU A 365 3.67 -11.32 -17.87
CA GLU A 365 5.00 -11.46 -17.34
C GLU A 365 6.02 -10.66 -18.11
N LYS A 366 5.87 -10.55 -19.42
CA LYS A 366 6.77 -9.78 -20.26
C LYS A 366 6.71 -8.32 -19.82
N GLU A 367 5.58 -7.81 -19.43
CA GLU A 367 5.43 -6.42 -19.03
C GLU A 367 6.31 -6.05 -17.85
N VAL A 368 6.64 -6.97 -16.99
CA VAL A 368 7.43 -6.71 -15.79
C VAL A 368 8.93 -6.86 -16.05
N GLU A 369 9.35 -7.26 -17.25
CA GLU A 369 10.77 -7.45 -17.55
C GLU A 369 11.65 -6.26 -17.19
N PRO A 370 11.28 -4.99 -17.37
CA PRO A 370 12.15 -3.89 -16.90
C PRO A 370 12.45 -3.99 -15.41
N ALA A 371 11.50 -4.42 -14.61
CA ALA A 371 11.78 -4.62 -13.19
C ALA A 371 12.65 -5.83 -12.98
N LEU A 372 12.29 -6.96 -13.58
CA LEU A 372 13.08 -8.17 -13.32
C LEU A 372 14.54 -8.00 -13.67
N GLY A 373 14.81 -7.27 -14.75
CA GLY A 373 16.20 -7.11 -15.17
C GLY A 373 17.05 -6.43 -14.10
N LEU A 374 16.41 -5.64 -13.24
CA LEU A 374 17.15 -4.99 -12.15
C LEU A 374 17.56 -5.97 -11.05
N LEU A 375 16.95 -7.14 -11.03
CA LEU A 375 17.04 -8.07 -9.90
C LEU A 375 17.88 -9.32 -10.17
N GLU A 376 18.12 -9.59 -11.44
CA GLU A 376 18.78 -10.83 -11.87
C GLU A 376 20.17 -10.89 -11.31
N PRO A 377 20.66 -12.03 -10.87
CA PRO A 377 19.96 -13.31 -10.94
C PRO A 377 18.94 -13.53 -9.81
N ILE A 378 17.84 -14.18 -10.20
CA ILE A 378 16.70 -14.47 -9.34
C ILE A 378 16.69 -15.96 -9.04
N ASP A 379 16.70 -16.33 -7.74
CA ASP A 379 16.65 -17.72 -7.35
C ASP A 379 15.31 -18.40 -7.70
N GLN A 380 14.22 -17.72 -7.44
CA GLN A 380 12.89 -18.30 -7.67
C GLN A 380 11.91 -17.16 -7.85
N LYS A 381 11.04 -17.27 -8.85
CA LYS A 381 9.86 -16.43 -9.04
C LYS A 381 8.56 -17.13 -8.69
N PHE A 382 7.61 -16.34 -8.21
CA PHE A 382 6.25 -16.76 -7.87
C PHE A 382 5.29 -15.74 -8.49
N VAL A 383 4.60 -16.13 -9.57
CA VAL A 383 3.77 -15.23 -10.38
C VAL A 383 2.29 -15.34 -10.02
N ALA A 384 1.66 -14.20 -9.75
CA ALA A 384 0.22 -14.16 -9.47
C ALA A 384 -0.42 -13.04 -10.26
N ILE A 385 -1.51 -13.31 -10.94
CA ILE A 385 -2.39 -12.33 -11.58
C ILE A 385 -3.69 -12.23 -10.82
N SER A 386 -4.09 -10.99 -10.48
CA SER A 386 -5.25 -10.76 -9.63
C SER A 386 -6.22 -9.82 -10.33
N ASP A 387 -7.53 -10.09 -10.22
CA ASP A 387 -8.53 -9.17 -10.69
C ASP A 387 -8.81 -8.12 -9.62
N LEU A 388 -8.96 -6.88 -10.04
CA LEU A 388 -9.31 -5.77 -9.17
C LEU A 388 -10.79 -5.51 -9.21
N TYR A 389 -11.40 -5.29 -8.05
CA TYR A 389 -12.81 -4.96 -7.94
C TYR A 389 -12.98 -3.64 -7.17
N GLU A 390 -14.06 -2.94 -7.50
CA GLU A 390 -14.53 -1.74 -6.78
C GLU A 390 -16.04 -1.81 -6.64
N PRO A 391 -16.58 -1.27 -5.54
CA PRO A 391 -18.05 -1.33 -5.39
C PRO A 391 -18.77 -0.45 -6.37
N ILE A 392 -19.97 -0.91 -6.72
CA ILE A 392 -20.90 -0.11 -7.52
C ILE A 392 -22.03 0.47 -6.68
N ASP A 393 -21.97 0.24 -5.41
CA ASP A 393 -22.85 0.63 -4.34
C ASP A 393 -22.06 1.40 -3.28
N ASP A 394 -22.32 2.65 -2.92
CA ASP A 394 -21.51 3.23 -1.84
C ASP A 394 -22.05 2.99 -0.43
N GLY A 395 -23.13 2.22 -0.36
CA GLY A 395 -23.76 1.83 0.90
C GLY A 395 -24.73 2.81 1.50
N SER A 396 -24.96 3.96 0.88
CA SER A 396 -25.76 4.97 1.53
C SER A 396 -27.17 4.45 1.85
N GLU A 397 -27.70 3.65 0.95
CA GLU A 397 -29.02 3.06 1.09
C GLU A 397 -28.87 1.67 1.71
N SER A 398 -28.00 0.83 1.14
CA SER A 398 -27.88 -0.57 1.55
C SER A 398 -27.25 -0.74 2.91
N GLN A 399 -26.43 0.19 3.38
CA GLN A 399 -25.61 0.05 4.57
C GLN A 399 -24.63 -1.13 4.54
N VAL A 400 -24.26 -1.52 3.35
CA VAL A 400 -23.26 -2.46 2.95
C VAL A 400 -22.05 -1.71 2.35
N PHE A 401 -20.93 -1.71 3.06
CA PHE A 401 -19.76 -0.92 2.76
C PHE A 401 -18.62 -1.82 2.29
N CYS A 402 -18.37 -1.86 0.98
CA CYS A 402 -17.42 -2.78 0.37
C CYS A 402 -16.15 -1.99 0.07
N SER A 403 -15.01 -2.63 0.33
CA SER A 403 -13.69 -2.11 -0.04
C SER A 403 -13.33 -2.39 -1.49
N CYS A 404 -12.29 -1.66 -1.89
CA CYS A 404 -11.63 -1.91 -3.17
C CYS A 404 -10.50 -2.94 -2.98
N SER A 405 -10.26 -3.71 -4.03
CA SER A 405 -9.08 -4.54 -4.09
C SER A 405 -7.82 -3.69 -4.00
N TYR A 406 -6.68 -4.36 -3.63
CA TYR A 406 -5.42 -3.64 -3.51
C TYR A 406 -4.78 -3.49 -4.87
N ASP A 407 -4.40 -2.28 -5.25
CA ASP A 407 -3.81 -1.97 -6.53
C ASP A 407 -2.30 -2.33 -6.53
N ALA A 408 -1.65 -2.10 -7.67
CA ALA A 408 -0.25 -2.50 -7.86
C ALA A 408 0.72 -1.61 -7.07
N THR A 409 0.30 -0.46 -6.58
CA THR A 409 1.28 0.39 -5.87
C THR A 409 1.88 -0.35 -4.69
N THR A 410 3.13 0.00 -4.37
CA THR A 410 3.86 -0.58 -3.25
C THR A 410 3.93 0.39 -2.05
N HIS A 411 2.93 1.21 -1.89
CA HIS A 411 2.72 2.04 -0.71
C HIS A 411 1.25 2.16 -0.44
N PHE A 412 0.92 2.69 0.76
CA PHE A 412 -0.44 2.63 1.25
C PHE A 412 -1.35 3.79 0.88
N GLU A 413 -0.91 4.79 0.13
CA GLU A 413 -1.79 5.96 -0.13
C GLU A 413 -3.15 5.58 -0.65
N THR A 414 -3.24 4.72 -1.69
CA THR A 414 -4.56 4.47 -2.25
C THR A 414 -5.40 3.61 -1.32
N THR A 415 -4.79 2.77 -0.48
CA THR A 415 -5.50 1.99 0.53
C THR A 415 -6.08 2.92 1.59
N CYS A 416 -5.24 3.86 2.05
CA CYS A 416 -5.70 4.86 3.00
C CYS A 416 -6.88 5.66 2.41
N ASN A 417 -6.82 6.02 1.14
CA ASN A 417 -7.97 6.72 0.57
C ASN A 417 -9.23 5.91 0.62
N ASP A 418 -9.14 4.63 0.34
CA ASP A 418 -10.31 3.76 0.41
C ASP A 418 -10.84 3.70 1.83
N ILE A 419 -9.95 3.52 2.82
CA ILE A 419 -10.40 3.48 4.20
C ILE A 419 -11.13 4.77 4.58
N LYS A 420 -10.54 5.91 4.22
CA LYS A 420 -11.18 7.19 4.54
C LYS A 420 -12.54 7.33 3.88
N ASP A 421 -12.64 6.88 2.61
CA ASP A 421 -13.88 6.98 1.88
C ASP A 421 -14.95 6.11 2.53
N ILE A 422 -14.62 4.86 2.85
CA ILE A 422 -15.59 3.98 3.49
C ILE A 422 -16.03 4.56 4.84
N TYR A 423 -15.06 5.03 5.66
CA TYR A 423 -15.44 5.63 6.94
C TYR A 423 -16.48 6.72 6.71
N LYS A 424 -16.25 7.61 5.76
CA LYS A 424 -17.14 8.75 5.53
C LYS A 424 -18.53 8.27 5.13
N ARG A 425 -18.57 7.22 4.28
CA ARG A 425 -19.85 6.67 3.85
C ARG A 425 -20.61 6.09 5.05
N MET A 426 -19.86 5.49 5.99
CA MET A 426 -20.45 4.88 7.17
C MET A 426 -20.93 5.87 8.24
N ALA A 427 -20.11 6.85 8.52
CA ALA A 427 -20.32 7.75 9.63
C ALA A 427 -21.13 8.97 9.22
N GLY A 428 -21.15 9.31 7.94
CA GLY A 428 -21.83 10.51 7.49
C GLY A 428 -20.97 11.74 7.49
N SER A 429 -19.71 11.60 7.86
CA SER A 429 -18.76 12.70 7.87
C SER A 429 -17.34 12.13 7.84
N ALA A 430 -16.37 12.96 7.49
CA ALA A 430 -15.02 12.52 7.25
C ALA A 430 -14.28 12.19 8.52
N PHE A 431 -13.41 11.21 8.43
CA PHE A 431 -12.50 10.95 9.54
C PHE A 431 -11.79 12.25 9.90
N ASP A 432 -12.01 12.70 11.09
CA ASP A 432 -11.50 14.00 11.54
C ASP A 432 -10.10 13.83 12.07
N PHE A 433 -9.12 14.15 11.22
CA PHE A 433 -7.74 14.19 11.63
C PHE A 433 -7.39 15.43 12.45
S SO4 B . 22.68 8.28 -7.43
O1 SO4 B . 21.67 7.25 -7.21
O2 SO4 B . 22.08 9.58 -7.81
O3 SO4 B . 23.63 7.86 -8.53
O4 SO4 B . 23.48 8.45 -6.13
S SO4 C . -3.37 9.44 -9.03
O1 SO4 C . -4.48 8.62 -9.57
O2 SO4 C . -3.96 10.58 -8.29
O3 SO4 C . -2.51 9.88 -10.15
O4 SO4 C . -2.60 8.57 -8.10
#